data_1E3B
#
_entry.id   1E3B
#
_cell.length_a   61.157
_cell.length_b   61.157
_cell.length_c   123.077
_cell.angle_alpha   90.00
_cell.angle_beta   90.00
_cell.angle_gamma   90.00
#
_symmetry.space_group_name_H-M   'P 41 21 2'
#
loop_
_entity.id
_entity.type
_entity.pdbx_description
1 polymer 'CYCLOPHILIN 3'
2 non-polymer 'GOLD ION'
3 non-polymer TRIETHYLPHOSPHANE
4 water water
#
_entity_poly.entity_id   1
_entity_poly.type   'polypeptide(L)'
_entity_poly.pdbx_seq_one_letter_code
;MSRSKVFFDITIGGKASGRIVMELYDDVVPKTAGNFRALCTGENGIGKSGKPLHFKGSKFHRIIPNFMIQGGDFTRGNGT
GGESIYGEKFPDENFKEKHTGPGVLSMANAGPNTNGSQFFLCTVKTEWLDGKHVVFGRVVEGLDVVKAVESNGSQSGKPV
KDCMIADCGQLKA
;
_entity_poly.pdbx_strand_id   A
#
# COMPACT_ATOMS: atom_id res chain seq x y z
N MET A 1 2.74 20.18 -3.01
CA MET A 1 1.30 20.33 -3.07
C MET A 1 0.63 19.87 -1.78
N SER A 2 -0.61 20.32 -1.54
CA SER A 2 -1.30 19.90 -0.32
C SER A 2 -1.34 18.38 -0.24
N ARG A 3 -1.29 17.88 0.99
CA ARG A 3 -1.18 16.43 1.18
C ARG A 3 -2.54 15.74 1.30
N SER A 4 -2.74 14.77 0.40
CA SER A 4 -3.96 13.98 0.43
C SER A 4 -4.00 13.10 1.68
N LYS A 5 -5.23 12.87 2.11
CA LYS A 5 -5.48 11.89 3.16
C LYS A 5 -6.39 10.80 2.58
N VAL A 6 -5.95 9.56 2.78
CA VAL A 6 -6.75 8.41 2.36
C VAL A 6 -6.91 7.39 3.47
N PHE A 7 -7.81 6.43 3.29
CA PHE A 7 -8.06 5.44 4.33
C PHE A 7 -8.32 4.05 3.75
N PHE A 8 -8.13 3.06 4.61
CA PHE A 8 -8.56 1.69 4.37
C PHE A 8 -9.43 1.27 5.57
N ASP A 9 -10.58 0.67 5.33
CA ASP A 9 -11.32 0.00 6.41
C ASP A 9 -10.95 -1.47 6.27
N ILE A 10 -10.46 -2.08 7.33
CA ILE A 10 -9.90 -3.40 7.27
C ILE A 10 -10.84 -4.45 7.91
N THR A 11 -10.89 -5.61 7.28
CA THR A 11 -11.48 -6.77 7.89
C THR A 11 -10.38 -7.82 8.06
N ILE A 12 -10.54 -8.58 9.15
CA ILE A 12 -9.60 -9.69 9.38
C ILE A 12 -10.45 -10.94 9.58
N GLY A 13 -10.31 -11.89 8.70
CA GLY A 13 -11.18 -13.06 8.66
C GLY A 13 -12.63 -12.62 8.61
N GLY A 14 -12.94 -11.53 7.92
CA GLY A 14 -14.30 -11.06 7.73
C GLY A 14 -14.82 -10.11 8.80
N LYS A 15 -14.06 -10.01 9.89
CA LYS A 15 -14.43 -9.19 11.04
C LYS A 15 -13.90 -7.76 10.90
N ALA A 16 -14.82 -6.80 11.01
CA ALA A 16 -14.40 -5.39 10.99
C ALA A 16 -13.32 -5.10 12.00
N SER A 17 -12.17 -4.57 11.55
CA SER A 17 -11.08 -4.38 12.49
C SER A 17 -10.57 -2.96 12.59
N GLY A 18 -11.24 -1.98 11.99
CA GLY A 18 -10.82 -0.60 12.17
C GLY A 18 -10.29 0.06 10.92
N ARG A 19 -9.98 1.35 11.03
CA ARG A 19 -9.53 2.15 9.91
C ARG A 19 -8.08 2.60 10.05
N ILE A 20 -7.35 2.46 8.93
CA ILE A 20 -6.01 3.00 8.77
C ILE A 20 -6.10 4.25 7.91
N VAL A 21 -5.65 5.37 8.47
CA VAL A 21 -5.65 6.65 7.79
C VAL A 21 -4.21 7.00 7.41
N MET A 22 -4.07 7.41 6.14
CA MET A 22 -2.71 7.65 5.64
C MET A 22 -2.63 9.06 5.05
N GLU A 23 -1.51 9.70 5.27
CA GLU A 23 -1.11 10.95 4.65
C GLU A 23 -0.09 10.66 3.54
N LEU A 24 -0.39 11.17 2.34
CA LEU A 24 0.48 10.98 1.19
C LEU A 24 1.33 12.24 0.95
N TYR A 25 2.52 12.01 0.43
CA TYR A 25 3.47 13.12 0.26
C TYR A 25 3.36 13.71 -1.15
N ASP A 26 2.20 14.30 -1.43
CA ASP A 26 1.93 14.82 -2.77
C ASP A 26 2.97 15.87 -3.15
N ASP A 27 3.42 16.60 -2.14
CA ASP A 27 4.41 17.66 -2.33
C ASP A 27 5.81 17.11 -2.63
N VAL A 28 6.08 15.84 -2.32
CA VAL A 28 7.41 15.28 -2.52
C VAL A 28 7.49 14.36 -3.72
N VAL A 29 6.43 13.56 -3.85
CA VAL A 29 6.40 12.56 -4.91
C VAL A 29 4.98 12.59 -5.51
N PRO A 30 4.65 13.60 -6.29
CA PRO A 30 3.26 13.78 -6.75
C PRO A 30 2.76 12.67 -7.65
N LYS A 31 3.61 12.12 -8.51
CA LYS A 31 3.18 11.09 -9.44
C LYS A 31 2.87 9.77 -8.70
N THR A 32 3.73 9.48 -7.72
CA THR A 32 3.58 8.29 -6.89
C THR A 32 2.41 8.39 -5.93
N ALA A 33 2.31 9.51 -5.22
CA ALA A 33 1.15 9.78 -4.38
C ALA A 33 -0.14 9.80 -5.20
N GLY A 34 -0.12 10.43 -6.37
CA GLY A 34 -1.35 10.53 -7.17
C GLY A 34 -1.80 9.15 -7.60
N ASN A 35 -0.87 8.24 -7.89
CA ASN A 35 -1.23 6.89 -8.28
C ASN A 35 -1.95 6.21 -7.12
N PHE A 36 -1.33 6.23 -5.95
CA PHE A 36 -1.99 5.59 -4.79
C PHE A 36 -3.35 6.20 -4.44
N ARG A 37 -3.45 7.53 -4.49
CA ARG A 37 -4.71 8.22 -4.16
C ARG A 37 -5.81 7.72 -5.07
N ALA A 38 -5.56 7.67 -6.39
CA ALA A 38 -6.58 7.26 -7.35
C ALA A 38 -6.95 5.79 -7.17
N LEU A 39 -6.01 4.98 -6.69
CA LEU A 39 -6.31 3.57 -6.45
C LEU A 39 -7.13 3.44 -5.17
N CYS A 40 -7.02 4.42 -4.29
CA CYS A 40 -7.94 4.44 -3.16
C CYS A 40 -9.35 4.87 -3.58
N THR A 41 -9.49 5.81 -4.52
CA THR A 41 -10.86 6.22 -4.86
C THR A 41 -11.46 5.35 -5.96
N GLY A 42 -10.63 4.67 -6.74
CA GLY A 42 -11.11 3.87 -7.84
C GLY A 42 -11.50 4.74 -9.04
N GLU A 43 -11.19 6.03 -8.98
CA GLU A 43 -11.68 7.00 -9.96
C GLU A 43 -11.19 6.72 -11.39
N ASN A 44 -10.17 5.90 -11.61
CA ASN A 44 -9.77 5.69 -13.02
C ASN A 44 -10.32 4.38 -13.56
N GLY A 45 -11.34 3.83 -12.89
CA GLY A 45 -12.11 2.79 -13.52
C GLY A 45 -11.36 1.50 -13.78
N ILE A 46 -11.66 0.90 -14.93
CA ILE A 46 -11.11 -0.41 -15.29
C ILE A 46 -9.75 -0.23 -15.95
N GLY A 47 -8.73 -0.96 -15.50
CA GLY A 47 -7.40 -0.77 -16.06
C GLY A 47 -7.14 -1.71 -17.23
N LYS A 48 -5.92 -1.65 -17.76
CA LYS A 48 -5.59 -2.47 -18.93
C LYS A 48 -5.85 -3.94 -18.66
N SER A 49 -5.71 -4.36 -17.40
CA SER A 49 -5.96 -5.71 -16.97
C SER A 49 -7.41 -6.16 -17.10
N GLY A 50 -8.33 -5.20 -17.24
CA GLY A 50 -9.75 -5.55 -17.26
C GLY A 50 -10.35 -5.57 -15.86
N LYS A 51 -9.53 -5.40 -14.83
CA LYS A 51 -10.06 -5.33 -13.46
C LYS A 51 -10.05 -3.89 -12.98
N PRO A 52 -10.86 -3.55 -11.98
CA PRO A 52 -10.87 -2.18 -11.49
C PRO A 52 -9.52 -1.71 -10.96
N LEU A 53 -9.10 -0.49 -11.28
CA LEU A 53 -7.93 0.13 -10.66
C LEU A 53 -8.31 0.65 -9.27
N HIS A 54 -8.40 -0.27 -8.30
CA HIS A 54 -9.02 0.05 -7.01
C HIS A 54 -8.58 -0.92 -5.94
N PHE A 55 -8.12 -0.41 -4.80
CA PHE A 55 -7.72 -1.33 -3.73
C PHE A 55 -8.89 -2.01 -3.05
N LYS A 56 -10.12 -1.53 -3.24
CA LYS A 56 -11.25 -2.09 -2.50
C LYS A 56 -11.49 -3.56 -2.80
N GLY A 57 -11.58 -4.39 -1.76
CA GLY A 57 -11.76 -5.80 -2.01
C GLY A 57 -10.44 -6.55 -2.10
N SER A 58 -9.30 -5.88 -2.15
CA SER A 58 -8.01 -6.57 -2.27
C SER A 58 -7.49 -6.89 -0.87
N LYS A 59 -6.43 -7.69 -0.77
CA LYS A 59 -5.92 -8.19 0.51
C LYS A 59 -4.46 -7.82 0.75
N PHE A 60 -4.06 -7.94 2.02
CA PHE A 60 -2.61 -7.93 2.28
C PHE A 60 -2.12 -9.36 2.04
N HIS A 61 -1.58 -9.66 0.87
CA HIS A 61 -1.29 -11.06 0.54
C HIS A 61 0.05 -11.52 1.12
N ARG A 62 0.87 -10.56 1.52
CA ARG A 62 2.18 -10.88 2.08
C ARG A 62 2.42 -10.06 3.34
N ILE A 63 2.59 -10.75 4.46
CA ILE A 63 2.65 -10.11 5.77
C ILE A 63 3.77 -10.79 6.56
N ILE A 64 4.80 -10.02 6.92
CA ILE A 64 5.92 -10.62 7.63
C ILE A 64 6.13 -9.92 8.96
N PRO A 65 6.06 -10.67 10.05
CA PRO A 65 6.16 -10.02 11.36
C PRO A 65 7.50 -9.31 11.54
N ASN A 66 7.46 -8.18 12.22
CA ASN A 66 8.62 -7.37 12.48
C ASN A 66 9.24 -6.87 11.19
N PHE A 67 8.45 -6.79 10.12
CA PHE A 67 8.94 -6.23 8.85
C PHE A 67 7.86 -5.31 8.27
N MET A 68 6.86 -5.90 7.63
CA MET A 68 5.90 -5.05 6.94
C MET A 68 4.69 -5.85 6.52
N ILE A 69 3.62 -5.12 6.15
CA ILE A 69 2.46 -5.71 5.50
C ILE A 69 2.37 -5.20 4.06
N GLN A 70 2.17 -6.10 3.11
CA GLN A 70 2.18 -5.71 1.70
C GLN A 70 0.88 -6.05 0.98
N GLY A 71 0.43 -5.17 0.10
CA GLY A 71 -0.84 -5.39 -0.60
C GLY A 71 -0.81 -4.69 -1.95
N GLY A 72 -1.98 -4.45 -2.53
CA GLY A 72 -2.02 -3.76 -3.81
C GLY A 72 -2.09 -4.66 -5.02
N ASP A 73 -2.12 -5.98 -4.83
CA ASP A 73 -2.23 -6.86 -6.00
C ASP A 73 -3.70 -7.19 -6.25
N PHE A 74 -4.42 -6.27 -6.92
CA PHE A 74 -5.83 -6.51 -7.20
C PHE A 74 -6.03 -7.21 -8.54
N THR A 75 -4.95 -7.67 -9.21
CA THR A 75 -5.24 -8.39 -10.46
C THR A 75 -4.92 -9.86 -10.28
N ARG A 76 -3.94 -10.18 -9.44
CA ARG A 76 -3.61 -11.61 -9.27
C ARG A 76 -3.68 -12.02 -7.81
N GLY A 77 -3.66 -11.03 -6.90
CA GLY A 77 -3.80 -11.27 -5.49
C GLY A 77 -2.69 -12.10 -4.90
N ASN A 78 -1.56 -12.22 -5.60
CA ASN A 78 -0.55 -13.09 -4.99
C ASN A 78 0.82 -12.47 -5.05
N GLY A 79 0.90 -11.21 -5.47
CA GLY A 79 2.22 -10.63 -5.55
C GLY A 79 2.77 -10.59 -6.95
N THR A 80 2.15 -11.30 -7.88
CA THR A 80 2.66 -11.19 -9.26
C THR A 80 1.92 -10.15 -10.09
N GLY A 81 0.82 -9.59 -9.61
CA GLY A 81 0.01 -8.69 -10.44
C GLY A 81 0.02 -7.26 -9.93
N GLY A 82 -1.12 -6.59 -10.14
CA GLY A 82 -1.17 -5.18 -9.77
C GLY A 82 -0.98 -4.33 -11.02
N GLU A 83 -1.45 -3.09 -11.02
CA GLU A 83 -1.33 -2.20 -12.18
C GLU A 83 -1.42 -0.75 -11.74
N SER A 84 -0.50 0.10 -12.18
CA SER A 84 -0.66 1.50 -11.80
C SER A 84 -1.70 2.19 -12.68
N ILE A 85 -2.17 3.37 -12.31
CA ILE A 85 -3.21 4.04 -13.11
C ILE A 85 -2.58 4.48 -14.44
N TYR A 86 -1.25 4.60 -14.47
CA TYR A 86 -0.51 5.04 -15.67
C TYR A 86 -0.46 3.90 -16.68
N GLY A 87 -0.64 2.68 -16.18
CA GLY A 87 -0.74 1.56 -17.10
C GLY A 87 0.55 0.76 -17.23
N GLU A 88 0.81 -0.09 -16.26
CA GLU A 88 1.82 -1.13 -16.13
C GLU A 88 2.85 -0.80 -15.05
N LYS A 89 3.94 -0.14 -15.43
CA LYS A 89 5.04 0.20 -14.54
C LYS A 89 5.57 1.60 -14.79
N PHE A 90 5.98 2.27 -13.72
CA PHE A 90 6.55 3.60 -13.89
C PHE A 90 7.81 3.72 -13.05
N PRO A 91 8.69 4.61 -13.48
CA PRO A 91 9.99 4.82 -12.86
C PRO A 91 9.89 5.26 -11.40
N ASP A 92 10.96 5.01 -10.65
CA ASP A 92 11.09 5.54 -9.30
C ASP A 92 11.13 7.06 -9.40
N GLU A 93 10.22 7.76 -8.77
CA GLU A 93 10.12 9.22 -8.87
C GLU A 93 11.22 9.95 -8.11
N ASN A 94 11.52 9.51 -6.90
CA ASN A 94 12.70 9.97 -6.18
C ASN A 94 12.82 9.19 -4.88
N PHE A 95 13.94 9.35 -4.19
CA PHE A 95 14.14 8.63 -2.93
C PHE A 95 14.35 9.63 -1.81
N LYS A 96 13.67 10.77 -1.93
CA LYS A 96 13.87 11.81 -0.92
C LYS A 96 13.42 11.32 0.46
N GLU A 97 12.33 10.55 0.51
CA GLU A 97 11.83 10.10 1.81
C GLU A 97 12.42 8.75 2.19
N LYS A 98 12.67 8.55 3.49
CA LYS A 98 13.29 7.31 3.94
C LYS A 98 12.37 6.47 4.84
N HIS A 99 12.72 5.21 4.94
CA HIS A 99 12.05 4.22 5.79
C HIS A 99 12.50 4.42 7.23
N THR A 100 11.82 5.30 7.96
CA THR A 100 12.27 5.74 9.27
C THR A 100 11.69 4.99 10.46
N GLY A 101 10.61 4.24 10.27
CA GLY A 101 9.99 3.53 11.39
C GLY A 101 8.65 2.93 11.00
N PRO A 102 7.96 2.31 11.94
CA PRO A 102 6.60 1.82 11.70
C PRO A 102 5.69 2.87 11.09
N GLY A 103 4.80 2.48 10.19
CA GLY A 103 3.85 3.48 9.67
C GLY A 103 4.29 4.02 8.32
N VAL A 104 5.55 3.76 7.95
CA VAL A 104 6.02 4.29 6.67
C VAL A 104 5.31 3.59 5.52
N LEU A 105 4.83 4.34 4.55
CA LEU A 105 4.17 3.76 3.37
C LEU A 105 5.05 3.87 2.14
N SER A 106 5.34 2.77 1.45
CA SER A 106 6.34 2.81 0.39
C SER A 106 6.01 1.84 -0.73
N MET A 107 6.61 1.99 -1.93
CA MET A 107 6.24 1.15 -3.06
C MET A 107 6.99 -0.19 -3.08
N ALA A 108 6.25 -1.27 -3.30
CA ALA A 108 6.89 -2.56 -3.60
C ALA A 108 7.31 -2.53 -5.07
N ASN A 109 8.30 -3.32 -5.45
CA ASN A 109 8.71 -3.27 -6.87
C ASN A 109 9.46 -4.54 -7.24
N ALA A 110 9.91 -4.62 -8.47
CA ALA A 110 10.72 -5.79 -8.87
C ALA A 110 12.09 -5.32 -9.32
N GLY A 111 12.62 -4.33 -8.63
CA GLY A 111 13.83 -3.66 -9.09
C GLY A 111 13.57 -2.23 -9.55
N PRO A 112 14.61 -1.58 -10.05
CA PRO A 112 14.53 -0.16 -10.38
C PRO A 112 13.44 0.11 -11.41
N ASN A 113 12.69 1.18 -11.21
CA ASN A 113 11.66 1.55 -12.18
C ASN A 113 10.64 0.49 -12.47
N THR A 114 10.07 -0.17 -11.46
CA THR A 114 9.04 -1.17 -11.75
C THR A 114 7.83 -0.99 -10.84
N ASN A 115 7.51 0.24 -10.48
CA ASN A 115 6.35 0.56 -9.67
C ASN A 115 5.05 0.23 -10.37
N GLY A 116 4.14 -0.40 -9.64
CA GLY A 116 2.84 -0.81 -10.15
C GLY A 116 1.75 -0.30 -9.22
N SER A 117 1.03 -1.22 -8.59
CA SER A 117 0.07 -0.81 -7.56
C SER A 117 0.46 -1.41 -6.21
N GLN A 118 1.44 -2.31 -6.20
CA GLN A 118 1.78 -2.95 -4.92
C GLN A 118 2.58 -2.02 -4.01
N PHE A 119 2.25 -2.12 -2.72
CA PHE A 119 2.84 -1.24 -1.73
C PHE A 119 3.02 -1.99 -0.41
N PHE A 120 3.76 -1.38 0.52
CA PHE A 120 3.78 -1.99 1.86
C PHE A 120 3.74 -0.90 2.91
N LEU A 121 3.26 -1.30 4.07
CA LEU A 121 3.29 -0.46 5.26
C LEU A 121 4.30 -1.10 6.23
N CYS A 122 5.31 -0.35 6.63
CA CYS A 122 6.37 -0.84 7.49
C CYS A 122 5.88 -1.00 8.93
N THR A 123 6.37 -2.04 9.61
CA THR A 123 5.98 -2.15 11.03
C THR A 123 7.21 -1.95 11.92
N VAL A 124 8.34 -1.71 11.27
CA VAL A 124 9.60 -1.39 11.92
C VAL A 124 10.35 -0.37 11.05
N LYS A 125 11.45 0.17 11.56
CA LYS A 125 12.28 0.97 10.64
C LYS A 125 13.01 0.03 9.70
N THR A 126 12.98 0.27 8.40
CA THR A 126 13.58 -0.66 7.44
C THR A 126 14.62 0.10 6.61
N GLU A 127 15.62 0.65 7.29
CA GLU A 127 16.62 1.50 6.66
C GLU A 127 17.28 0.84 5.46
N TRP A 128 17.31 -0.48 5.44
CA TRP A 128 17.98 -1.19 4.36
C TRP A 128 17.21 -1.07 3.05
N LEU A 129 16.04 -0.45 3.05
CA LEU A 129 15.31 -0.32 1.78
C LEU A 129 15.49 1.07 1.20
N ASP A 130 16.13 1.95 1.97
CA ASP A 130 16.35 3.32 1.53
C ASP A 130 17.03 3.32 0.16
N GLY A 131 16.57 4.22 -0.71
CA GLY A 131 17.05 4.34 -2.07
C GLY A 131 16.68 3.17 -2.96
N LYS A 132 15.91 2.20 -2.46
CA LYS A 132 15.51 1.09 -3.32
C LYS A 132 13.99 1.02 -3.48
N HIS A 133 13.27 1.58 -2.52
CA HIS A 133 11.82 1.69 -2.60
C HIS A 133 11.40 3.14 -2.43
N VAL A 134 10.43 3.59 -3.23
CA VAL A 134 9.95 4.95 -3.09
C VAL A 134 8.91 5.09 -1.98
N VAL A 135 9.26 5.85 -0.96
CA VAL A 135 8.46 6.24 0.17
C VAL A 135 7.58 7.43 -0.19
N PHE A 136 6.27 7.24 -0.04
CA PHE A 136 5.33 8.29 -0.47
C PHE A 136 4.24 8.60 0.52
N GLY A 137 4.33 8.14 1.77
CA GLY A 137 3.31 8.51 2.75
C GLY A 137 3.61 7.88 4.10
N ARG A 138 2.70 8.07 5.04
CA ARG A 138 2.80 7.50 6.37
C ARG A 138 1.42 7.31 7.00
N VAL A 139 1.33 6.36 7.92
CA VAL A 139 0.09 6.17 8.67
C VAL A 139 -0.07 7.31 9.66
N VAL A 140 -1.24 7.94 9.73
CA VAL A 140 -1.41 8.94 10.80
C VAL A 140 -2.52 8.54 11.75
N GLU A 141 -3.37 7.56 11.40
CA GLU A 141 -4.29 7.03 12.40
C GLU A 141 -4.41 5.52 12.22
N GLY A 142 -4.69 4.78 13.29
CA GLY A 142 -4.94 3.36 13.02
C GLY A 142 -3.66 2.55 12.96
N LEU A 143 -2.53 3.01 13.52
CA LEU A 143 -1.37 2.12 13.58
C LEU A 143 -1.73 0.86 14.34
N ASP A 144 -2.69 0.91 15.26
CA ASP A 144 -3.04 -0.34 15.95
C ASP A 144 -3.68 -1.32 14.98
N VAL A 145 -4.32 -0.81 13.92
CA VAL A 145 -4.96 -1.72 12.95
C VAL A 145 -3.87 -2.41 12.13
N VAL A 146 -2.80 -1.66 11.83
CA VAL A 146 -1.61 -2.20 11.15
C VAL A 146 -1.01 -3.31 11.99
N LYS A 147 -0.89 -3.14 13.31
CA LYS A 147 -0.39 -4.19 14.19
C LYS A 147 -1.27 -5.43 14.19
N ALA A 148 -2.59 -5.29 14.16
CA ALA A 148 -3.52 -6.40 14.13
C ALA A 148 -3.32 -7.23 12.87
N VAL A 149 -3.16 -6.56 11.72
CA VAL A 149 -2.89 -7.28 10.48
C VAL A 149 -1.54 -7.96 10.60
N GLU A 150 -0.56 -7.25 11.14
CA GLU A 150 0.75 -7.83 11.30
C GLU A 150 0.74 -9.12 12.13
N SER A 151 -0.16 -9.18 13.11
CA SER A 151 -0.25 -10.35 13.97
C SER A 151 -0.69 -11.60 13.24
N ASN A 152 -1.21 -11.47 12.02
CA ASN A 152 -1.65 -12.59 11.21
C ASN A 152 -0.67 -12.98 10.11
N GLY A 153 0.51 -12.38 10.11
CA GLY A 153 1.55 -12.67 9.14
C GLY A 153 2.38 -13.86 9.58
N SER A 154 3.25 -14.37 8.72
CA SER A 154 4.20 -15.40 9.13
C SER A 154 5.57 -15.08 8.56
N GLN A 155 6.62 -15.71 9.07
CA GLN A 155 7.94 -15.50 8.48
C GLN A 155 7.91 -15.79 6.99
N SER A 156 7.11 -16.79 6.62
CA SER A 156 6.98 -17.23 5.24
C SER A 156 6.31 -16.20 4.32
N GLY A 157 5.74 -15.19 4.94
CA GLY A 157 4.92 -14.21 4.24
C GLY A 157 3.45 -14.57 4.15
N LYS A 158 3.08 -15.83 4.32
CA LYS A 158 1.68 -16.18 4.10
C LYS A 158 0.82 -15.77 5.28
N PRO A 159 -0.28 -15.08 5.05
CA PRO A 159 -1.19 -14.72 6.15
C PRO A 159 -1.91 -15.92 6.74
N VAL A 160 -2.21 -15.83 8.02
CA VAL A 160 -3.02 -16.81 8.74
C VAL A 160 -4.48 -16.73 8.36
N LYS A 161 -4.96 -15.51 8.11
CA LYS A 161 -6.33 -15.43 7.57
C LYS A 161 -6.45 -14.19 6.69
N ASP A 162 -7.52 -14.05 5.92
CA ASP A 162 -7.65 -12.94 5.00
C ASP A 162 -7.73 -11.59 5.68
N CYS A 163 -6.78 -10.70 5.38
CA CYS A 163 -6.75 -9.32 5.86
C CYS A 163 -7.11 -8.46 4.66
N MET A 164 -8.36 -8.00 4.65
CA MET A 164 -8.95 -7.35 3.48
C MET A 164 -9.09 -5.84 3.67
N ILE A 165 -8.86 -5.13 2.56
CA ILE A 165 -9.24 -3.73 2.45
C ILE A 165 -10.70 -3.72 2.01
N ALA A 166 -11.57 -3.75 3.01
CA ALA A 166 -13.01 -3.90 2.80
C ALA A 166 -13.62 -2.63 2.19
N ASP A 167 -13.06 -1.49 2.55
CA ASP A 167 -13.48 -0.23 1.93
C ASP A 167 -12.26 0.67 1.89
N CYS A 168 -12.26 1.68 1.03
CA CYS A 168 -11.14 2.62 1.00
C CYS A 168 -11.59 3.89 0.29
N GLY A 169 -10.80 4.95 0.38
CA GLY A 169 -11.24 6.15 -0.33
C GLY A 169 -10.35 7.31 0.12
N GLN A 170 -10.75 8.51 -0.19
CA GLN A 170 -10.00 9.72 0.11
C GLN A 170 -10.81 10.59 1.07
N LEU A 171 -10.12 11.15 2.07
CA LEU A 171 -10.83 11.99 3.04
C LEU A 171 -10.75 13.44 2.59
N LYS A 172 -11.77 14.25 2.84
CA LYS A 172 -11.62 15.64 2.38
C LYS A 172 -11.11 16.53 3.49
#